data_1KAF
#
_entry.id   1KAF
#
_cell.length_a   31.284
_cell.length_b   54.733
_cell.length_c   91.445
_cell.angle_alpha   94.77
_cell.angle_beta   91.10
_cell.angle_gamma   95.61
#
_symmetry.space_group_name_H-M   'P 1'
#
loop_
_entity.id
_entity.type
_entity.pdbx_description
1 polymer 'Transcription regulatory protein MOTA'
2 water water
#
_entity_poly.entity_id   1
_entity_poly.type   'polypeptide(L)'
_entity_poly.pdbx_seq_one_letter_code
;MEITSDMEEDKDLMLKLLDKNGFVLKKVEIYRSNYLAILEKRTNGIRNFEINNNGNMRIFGYKMMEHHIQKFTDIGMSCK
IAKNGNVYLDIKRSAENIEAVITVASEL
;
_entity_poly.pdbx_strand_id   A,B,C,D,E,F
#
# COMPACT_ATOMS: atom_id res chain seq x y z
N MET A 1 29.47 -3.77 -17.98
CA MET A 1 28.04 -3.89 -18.39
C MET A 1 27.14 -3.80 -17.17
N GLU A 2 25.91 -3.32 -17.38
CA GLU A 2 24.95 -3.23 -16.29
C GLU A 2 23.72 -4.02 -16.68
N ILE A 3 23.80 -5.34 -16.48
CA ILE A 3 22.71 -6.24 -16.79
C ILE A 3 21.93 -6.54 -15.52
N THR A 4 20.61 -6.37 -15.58
CA THR A 4 19.74 -6.60 -14.43
C THR A 4 19.28 -8.04 -14.36
N SER A 5 18.77 -8.45 -13.20
CA SER A 5 18.29 -9.82 -13.04
C SER A 5 17.08 -10.05 -13.96
N ASP A 6 16.27 -9.01 -14.15
CA ASP A 6 15.12 -9.13 -15.03
C ASP A 6 15.57 -9.41 -16.46
N MET A 7 16.62 -8.71 -16.90
CA MET A 7 17.13 -8.89 -18.26
C MET A 7 17.59 -10.33 -18.46
N GLU A 8 18.28 -10.88 -17.46
CA GLU A 8 18.76 -12.26 -17.54
C GLU A 8 17.57 -13.22 -17.66
N GLU A 9 16.54 -12.98 -16.84
CA GLU A 9 15.34 -13.82 -16.87
C GLU A 9 14.63 -13.71 -18.23
N ASP A 10 14.54 -12.49 -18.73
CA ASP A 10 13.87 -12.26 -20.02
C ASP A 10 14.64 -12.92 -21.16
N LYS A 11 15.96 -12.81 -21.10
CA LYS A 11 16.84 -13.40 -22.10
C LYS A 11 16.73 -14.92 -22.04
N ASP A 12 16.63 -15.47 -20.85
CA ASP A 12 16.52 -16.92 -20.71
C ASP A 12 15.23 -17.42 -21.38
N LEU A 13 14.14 -16.69 -21.19
CA LEU A 13 12.86 -17.05 -21.79
C LEU A 13 12.96 -16.92 -23.30
N MET A 14 13.55 -15.81 -23.76
CA MET A 14 13.74 -15.57 -25.18
C MET A 14 14.47 -16.73 -25.83
N LEU A 15 15.63 -17.09 -25.27
CA LEU A 15 16.43 -18.18 -25.81
C LEU A 15 15.68 -19.51 -25.81
N LYS A 16 14.93 -19.76 -24.74
CA LYS A 16 14.16 -20.99 -24.62
C LYS A 16 13.15 -21.10 -25.77
N LEU A 17 12.45 -20.01 -26.02
CA LEU A 17 11.43 -19.98 -27.08
C LEU A 17 12.04 -19.96 -28.47
N LEU A 18 13.21 -19.35 -28.63
CA LEU A 18 13.86 -19.32 -29.93
C LEU A 18 14.30 -20.74 -30.29
N ASP A 19 14.83 -21.46 -29.29
CA ASP A 19 15.26 -22.84 -29.49
C ASP A 19 14.05 -23.72 -29.79
N LYS A 20 12.99 -23.54 -29.02
CA LYS A 20 11.77 -24.31 -29.21
C LYS A 20 11.27 -24.24 -30.64
N ASN A 21 11.32 -23.04 -31.21
CA ASN A 21 10.83 -22.80 -32.56
C ASN A 21 11.83 -22.94 -33.70
N GLY A 22 12.98 -23.53 -33.42
CA GLY A 22 13.96 -23.74 -34.46
C GLY A 22 14.76 -22.56 -34.98
N PHE A 23 14.86 -21.49 -34.22
CA PHE A 23 15.66 -20.34 -34.66
C PHE A 23 17.12 -20.64 -34.30
N VAL A 24 17.97 -20.79 -35.31
CA VAL A 24 19.39 -21.09 -35.05
C VAL A 24 20.15 -19.79 -34.77
N LEU A 25 20.86 -19.76 -33.65
CA LEU A 25 21.61 -18.57 -33.26
C LEU A 25 23.11 -18.71 -33.47
N LYS A 26 23.72 -17.68 -34.05
CA LYS A 26 25.17 -17.69 -34.27
C LYS A 26 25.78 -17.52 -32.88
N LYS A 27 25.16 -16.66 -32.09
CA LYS A 27 25.63 -16.37 -30.74
C LYS A 27 24.69 -15.35 -30.10
N VAL A 28 24.92 -15.09 -28.82
CA VAL A 28 24.16 -14.08 -28.10
C VAL A 28 25.25 -13.14 -27.62
N GLU A 29 25.03 -11.84 -27.75
CA GLU A 29 26.04 -10.89 -27.32
C GLU A 29 25.48 -10.01 -26.22
N ILE A 30 26.38 -9.50 -25.39
CA ILE A 30 26.03 -8.52 -24.37
C ILE A 30 26.82 -7.34 -24.94
N TYR A 31 26.11 -6.35 -25.46
CA TYR A 31 26.74 -5.19 -26.07
C TYR A 31 26.04 -3.94 -25.58
N ARG A 32 26.81 -3.00 -25.05
CA ARG A 32 26.28 -1.75 -24.53
C ARG A 32 25.16 -2.07 -23.53
N SER A 33 25.39 -3.12 -22.75
CA SER A 33 24.46 -3.57 -21.73
C SER A 33 23.09 -3.96 -22.26
N ASN A 34 23.08 -4.56 -23.45
CA ASN A 34 21.88 -5.06 -24.11
C ASN A 34 22.20 -6.49 -24.53
N TYR A 35 21.20 -7.37 -24.52
CA TYR A 35 21.38 -8.75 -24.96
C TYR A 35 20.95 -8.84 -26.41
N LEU A 36 21.79 -9.39 -27.27
CA LEU A 36 21.45 -9.52 -28.69
C LEU A 36 21.55 -10.97 -29.13
N ALA A 37 20.42 -11.56 -29.51
CA ALA A 37 20.42 -12.93 -29.99
C ALA A 37 20.54 -12.79 -31.49
N ILE A 38 21.73 -13.10 -32.01
CA ILE A 38 22.00 -12.96 -33.44
C ILE A 38 21.68 -14.22 -34.21
N LEU A 39 20.73 -14.12 -35.14
CA LEU A 39 20.35 -15.28 -35.93
C LEU A 39 21.46 -15.66 -36.90
N GLU A 40 21.72 -16.96 -37.02
CA GLU A 40 22.73 -17.46 -37.93
C GLU A 40 22.04 -17.60 -39.28
N LYS A 41 20.79 -18.04 -39.23
CA LYS A 41 19.98 -18.21 -40.42
C LYS A 41 18.88 -17.15 -40.38
N ARG A 42 19.10 -16.05 -41.09
CA ARG A 42 18.12 -14.97 -41.12
C ARG A 42 16.88 -15.47 -41.85
N THR A 43 15.72 -15.26 -41.22
CA THR A 43 14.47 -15.70 -41.81
C THR A 43 13.49 -14.53 -41.85
N ASN A 44 12.80 -14.39 -42.98
CA ASN A 44 11.82 -13.32 -43.17
C ASN A 44 12.39 -11.94 -42.87
N GLY A 45 13.68 -11.77 -43.18
CA GLY A 45 14.34 -10.49 -42.96
C GLY A 45 14.80 -10.20 -41.55
N ILE A 46 14.46 -11.06 -40.59
CA ILE A 46 14.85 -10.83 -39.21
C ILE A 46 16.34 -11.11 -39.00
N ARG A 47 17.02 -10.18 -38.33
CA ARG A 47 18.45 -10.35 -38.09
C ARG A 47 18.73 -10.70 -36.65
N ASN A 48 18.05 -10.05 -35.71
CA ASN A 48 18.24 -10.39 -34.32
C ASN A 48 17.06 -10.06 -33.43
N PHE A 49 17.02 -10.71 -32.29
CA PHE A 49 16.00 -10.48 -31.27
C PHE A 49 16.79 -9.88 -30.11
N GLU A 50 16.27 -8.83 -29.51
CA GLU A 50 17.01 -8.15 -28.44
C GLU A 50 16.25 -7.88 -27.15
N ILE A 51 16.98 -7.94 -26.04
CA ILE A 51 16.44 -7.63 -24.72
C ILE A 51 17.29 -6.43 -24.31
N ASN A 52 16.70 -5.25 -24.37
CA ASN A 52 17.43 -4.03 -24.07
C ASN A 52 17.20 -3.45 -22.68
N ASN A 53 18.23 -2.80 -22.16
CA ASN A 53 18.18 -2.22 -20.83
C ASN A 53 17.22 -1.03 -20.74
N ASN A 54 16.72 -0.57 -21.89
CA ASN A 54 15.77 0.55 -21.90
C ASN A 54 14.37 0.03 -21.61
N GLY A 55 14.26 -1.27 -21.38
CA GLY A 55 12.98 -1.87 -21.07
C GLY A 55 12.22 -2.51 -22.23
N ASN A 56 12.77 -2.42 -23.43
CA ASN A 56 12.09 -2.99 -24.59
C ASN A 56 12.70 -4.29 -25.10
N MET A 57 11.87 -5.06 -25.80
CA MET A 57 12.33 -6.26 -26.48
C MET A 57 12.26 -5.71 -27.90
N ARG A 58 13.28 -5.97 -28.69
CA ARG A 58 13.27 -5.46 -30.05
C ARG A 58 13.60 -6.52 -31.07
N ILE A 59 13.05 -6.33 -32.26
CA ILE A 59 13.33 -7.20 -33.39
C ILE A 59 14.00 -6.27 -34.38
N PHE A 60 15.19 -6.63 -34.83
CA PHE A 60 15.91 -5.84 -35.81
C PHE A 60 15.88 -6.64 -37.10
N GLY A 61 15.34 -6.04 -38.15
CA GLY A 61 15.23 -6.73 -39.43
C GLY A 61 15.55 -5.84 -40.60
N TYR A 62 15.46 -6.40 -41.80
CA TYR A 62 15.77 -5.67 -43.01
C TYR A 62 14.79 -6.04 -44.11
N LYS A 63 14.13 -5.02 -44.67
CA LYS A 63 13.16 -5.23 -45.75
C LYS A 63 12.15 -6.33 -45.45
N MET A 64 11.51 -6.26 -44.29
CA MET A 64 10.51 -7.24 -43.90
C MET A 64 9.22 -6.98 -44.69
N MET A 65 8.45 -8.03 -44.93
CA MET A 65 7.20 -7.89 -45.67
C MET A 65 6.19 -7.13 -44.81
N GLU A 66 5.43 -6.26 -45.46
CA GLU A 66 4.43 -5.45 -44.78
C GLU A 66 3.42 -6.31 -44.02
N HIS A 67 2.93 -7.37 -44.64
CA HIS A 67 1.94 -8.20 -43.96
C HIS A 67 2.55 -8.98 -42.79
N HIS A 68 3.88 -9.04 -42.74
CA HIS A 68 4.53 -9.72 -41.62
C HIS A 68 4.58 -8.68 -40.49
N ILE A 69 5.00 -7.46 -40.84
CA ILE A 69 5.07 -6.38 -39.87
C ILE A 69 3.71 -6.20 -39.21
N GLN A 70 2.65 -6.27 -40.01
CA GLN A 70 1.30 -6.11 -39.50
C GLN A 70 0.97 -7.10 -38.40
N LYS A 71 1.47 -8.33 -38.50
CA LYS A 71 1.21 -9.32 -37.47
C LYS A 71 1.87 -8.93 -36.15
N PHE A 72 3.00 -8.24 -36.23
CA PHE A 72 3.70 -7.81 -35.03
C PHE A 72 3.04 -6.57 -34.41
N THR A 73 2.63 -5.63 -35.24
CA THR A 73 1.98 -4.42 -34.72
C THR A 73 0.62 -4.82 -34.15
N ASP A 74 0.08 -5.92 -34.68
CA ASP A 74 -1.21 -6.44 -34.25
C ASP A 74 -1.17 -6.92 -32.80
N ILE A 75 0.01 -7.29 -32.31
CA ILE A 75 0.14 -7.76 -30.94
C ILE A 75 0.72 -6.69 -30.01
N GLY A 76 0.81 -5.46 -30.51
CA GLY A 76 1.31 -4.37 -29.69
C GLY A 76 2.69 -3.82 -29.94
N MET A 77 3.37 -4.29 -30.98
CA MET A 77 4.71 -3.78 -31.23
C MET A 77 4.68 -2.46 -31.98
N SER A 78 5.62 -1.59 -31.65
CA SER A 78 5.76 -0.31 -32.32
C SER A 78 6.71 -0.65 -33.47
N CYS A 79 6.67 0.14 -34.53
CA CYS A 79 7.52 -0.15 -35.68
C CYS A 79 8.04 1.11 -36.36
N LYS A 80 9.31 1.09 -36.72
CA LYS A 80 9.91 2.22 -37.42
C LYS A 80 10.69 1.65 -38.60
N ILE A 81 10.37 2.12 -39.80
CA ILE A 81 11.08 1.66 -40.99
C ILE A 81 12.02 2.78 -41.41
N ALA A 82 13.31 2.49 -41.44
CA ALA A 82 14.32 3.47 -41.81
C ALA A 82 14.43 3.65 -43.31
N LYS A 83 15.10 4.73 -43.72
CA LYS A 83 15.29 5.02 -45.13
C LYS A 83 16.05 3.91 -45.86
N ASN A 84 16.97 3.27 -45.15
CA ASN A 84 17.75 2.19 -45.75
C ASN A 84 17.02 0.85 -45.80
N GLY A 85 15.79 0.83 -45.30
CA GLY A 85 15.01 -0.41 -45.33
C GLY A 85 15.07 -1.21 -44.04
N ASN A 86 15.92 -0.81 -43.10
CA ASN A 86 16.01 -1.52 -41.83
C ASN A 86 14.72 -1.32 -41.07
N VAL A 87 14.29 -2.35 -40.36
CA VAL A 87 13.03 -2.27 -39.61
C VAL A 87 13.32 -2.49 -38.14
N TYR A 88 12.73 -1.64 -37.30
CA TYR A 88 12.90 -1.77 -35.86
C TYR A 88 11.53 -1.94 -35.21
N LEU A 89 11.32 -3.10 -34.62
CA LEU A 89 10.07 -3.42 -33.94
C LEU A 89 10.35 -3.44 -32.45
N ASP A 90 9.57 -2.70 -31.67
CA ASP A 90 9.76 -2.63 -30.22
C ASP A 90 8.48 -2.88 -29.43
N ILE A 91 8.63 -3.42 -28.24
CA ILE A 91 7.50 -3.68 -27.33
C ILE A 91 8.07 -3.78 -25.93
N LYS A 92 7.29 -3.42 -24.91
CA LYS A 92 7.81 -3.51 -23.56
C LYS A 92 8.04 -4.97 -23.16
N ARG A 93 9.14 -5.20 -22.45
CA ARG A 93 9.48 -6.54 -21.99
C ARG A 93 8.50 -7.03 -20.94
N SER A 94 8.10 -8.29 -21.05
CA SER A 94 7.20 -8.96 -20.12
C SER A 94 7.16 -10.41 -20.59
N ALA A 95 6.89 -11.35 -19.69
CA ALA A 95 6.82 -12.75 -20.10
C ALA A 95 5.77 -12.92 -21.18
N GLU A 96 4.65 -12.24 -21.03
CA GLU A 96 3.55 -12.32 -21.99
C GLU A 96 3.94 -11.79 -23.36
N ASN A 97 4.61 -10.65 -23.39
CA ASN A 97 5.01 -10.08 -24.68
C ASN A 97 6.10 -10.86 -25.38
N ILE A 98 7.07 -11.36 -24.61
CA ILE A 98 8.15 -12.12 -25.19
C ILE A 98 7.58 -13.36 -25.86
N GLU A 99 6.65 -14.01 -25.18
CA GLU A 99 6.00 -15.21 -25.68
C GLU A 99 5.22 -14.90 -26.96
N ALA A 100 4.42 -13.83 -26.92
CA ALA A 100 3.61 -13.42 -28.06
C ALA A 100 4.46 -13.08 -29.27
N VAL A 101 5.55 -12.34 -29.05
CA VAL A 101 6.43 -11.93 -30.14
C VAL A 101 7.08 -13.10 -30.87
N ILE A 102 7.63 -14.03 -30.10
CA ILE A 102 8.30 -15.18 -30.70
C ILE A 102 7.29 -16.08 -31.40
N THR A 103 6.09 -16.19 -30.83
CA THR A 103 5.05 -16.99 -31.44
C THR A 103 4.73 -16.45 -32.82
N VAL A 104 4.60 -15.14 -32.95
CA VAL A 104 4.31 -14.52 -34.23
C VAL A 104 5.46 -14.74 -35.21
N ALA A 105 6.69 -14.51 -34.74
CA ALA A 105 7.85 -14.69 -35.60
C ALA A 105 7.93 -16.11 -36.13
N SER A 106 7.48 -17.07 -35.33
CA SER A 106 7.52 -18.49 -35.70
C SER A 106 6.44 -18.91 -36.70
N GLU A 107 5.34 -18.15 -36.75
CA GLU A 107 4.24 -18.47 -37.65
C GLU A 107 4.29 -17.69 -38.96
N LEU A 108 5.36 -16.91 -39.15
CA LEU A 108 5.52 -16.11 -40.37
C LEU A 108 5.61 -17.00 -41.61
N MET B 1 24.80 -3.66 12.77
CA MET B 1 23.38 -4.04 12.57
C MET B 1 22.73 -4.30 13.92
N GLU B 2 21.47 -3.90 14.04
CA GLU B 2 20.71 -4.08 15.28
C GLU B 2 19.45 -4.87 14.99
N ILE B 3 19.43 -6.12 15.42
CA ILE B 3 18.26 -6.98 15.20
C ILE B 3 17.66 -7.38 16.54
N THR B 4 16.34 -7.25 16.66
CA THR B 4 15.64 -7.58 17.90
C THR B 4 15.04 -8.98 17.85
N SER B 5 14.71 -9.52 19.02
CA SER B 5 14.14 -10.85 19.12
C SER B 5 12.87 -11.00 18.31
N ASP B 6 12.04 -9.95 18.30
CA ASP B 6 10.80 -10.00 17.55
C ASP B 6 11.05 -10.13 16.06
N MET B 7 12.09 -9.47 15.56
CA MET B 7 12.42 -9.54 14.14
C MET B 7 12.88 -10.95 13.78
N GLU B 8 13.67 -11.55 14.66
CA GLU B 8 14.16 -12.90 14.40
C GLU B 8 13.02 -13.92 14.35
N GLU B 9 12.06 -13.79 15.25
CA GLU B 9 10.94 -14.71 15.29
C GLU B 9 10.10 -14.56 14.01
N ASP B 10 9.86 -13.32 13.62
CA ASP B 10 9.07 -13.02 12.43
C ASP B 10 9.78 -13.51 11.17
N LYS B 11 11.11 -13.40 11.15
CA LYS B 11 11.88 -13.86 10.00
C LYS B 11 11.79 -15.38 9.91
N ASP B 12 11.86 -16.07 11.05
CA ASP B 12 11.77 -17.52 11.04
C ASP B 12 10.43 -17.97 10.47
N LEU B 13 9.36 -17.28 10.88
CA LEU B 13 8.02 -17.62 10.40
C LEU B 13 7.95 -17.38 8.89
N MET B 14 8.44 -16.23 8.45
CA MET B 14 8.44 -15.89 7.03
C MET B 14 9.14 -16.96 6.20
N LEU B 15 10.34 -17.33 6.61
CA LEU B 15 11.11 -18.34 5.88
C LEU B 15 10.40 -19.69 5.84
N LYS B 16 9.81 -20.08 6.95
CA LYS B 16 9.10 -21.35 7.03
C LYS B 16 7.94 -21.41 6.04
N LEU B 17 7.18 -20.33 5.96
CA LEU B 17 6.04 -20.26 5.05
C LEU B 17 6.50 -20.17 3.60
N LEU B 18 7.62 -19.49 3.36
CA LEU B 18 8.14 -19.37 2.01
C LEU B 18 8.61 -20.74 1.51
N ASP B 19 9.26 -21.51 2.38
CA ASP B 19 9.73 -22.84 2.01
C ASP B 19 8.52 -23.74 1.77
N LYS B 20 7.56 -23.67 2.68
CA LYS B 20 6.35 -24.47 2.57
C LYS B 20 5.63 -24.29 1.23
N ASN B 21 5.60 -23.05 0.74
CA ASN B 21 4.91 -22.75 -0.51
C ASN B 21 5.78 -22.75 -1.75
N GLY B 22 6.99 -23.25 -1.62
CA GLY B 22 7.88 -23.35 -2.76
C GLY B 22 8.49 -22.10 -3.36
N PHE B 23 8.70 -21.06 -2.55
CA PHE B 23 9.34 -19.84 -3.06
C PHE B 23 10.85 -20.01 -2.91
N VAL B 24 11.53 -20.26 -4.02
CA VAL B 24 12.98 -20.44 -3.99
C VAL B 24 13.70 -19.13 -3.78
N LEU B 25 14.55 -19.10 -2.75
CA LEU B 25 15.28 -17.89 -2.40
C LEU B 25 16.75 -17.95 -2.79
N LYS B 26 17.28 -16.83 -3.24
CA LYS B 26 18.69 -16.76 -3.58
C LYS B 26 19.43 -16.76 -2.24
N LYS B 27 18.88 -16.00 -1.29
CA LYS B 27 19.45 -15.89 0.04
C LYS B 27 18.61 -14.95 0.88
N VAL B 28 18.93 -14.90 2.17
CA VAL B 28 18.28 -14.00 3.11
C VAL B 28 19.39 -13.03 3.47
N GLU B 29 19.02 -11.76 3.59
CA GLU B 29 20.00 -10.74 3.90
C GLU B 29 19.59 -9.86 5.07
N ILE B 30 20.59 -9.36 5.79
CA ILE B 30 20.32 -8.40 6.85
C ILE B 30 20.97 -7.17 6.22
N TYR B 31 20.16 -6.14 5.99
CA TYR B 31 20.62 -4.91 5.36
C TYR B 31 19.93 -3.74 6.04
N ARG B 32 20.73 -2.79 6.54
CA ARG B 32 20.21 -1.62 7.23
C ARG B 32 19.30 -2.08 8.37
N SER B 33 19.73 -3.16 9.02
CA SER B 33 19.00 -3.73 10.14
C SER B 33 17.59 -4.20 9.79
N ASN B 34 17.43 -4.68 8.56
CA ASN B 34 16.16 -5.23 8.08
C ASN B 34 16.45 -6.62 7.49
N TYR B 35 15.47 -7.52 7.58
CA TYR B 35 15.62 -8.86 7.03
C TYR B 35 15.00 -8.89 5.64
N LEU B 36 15.74 -9.38 4.65
CA LEU B 36 15.24 -9.46 3.28
C LEU B 36 15.32 -10.89 2.74
N ALA B 37 14.19 -11.42 2.28
CA ALA B 37 14.17 -12.76 1.69
C ALA B 37 14.09 -12.48 0.19
N ILE B 38 15.21 -12.66 -0.49
CA ILE B 38 15.29 -12.38 -1.92
C ILE B 38 15.02 -13.59 -2.81
N LEU B 39 13.97 -13.48 -3.64
CA LEU B 39 13.60 -14.56 -4.55
C LEU B 39 14.63 -14.77 -5.65
N GLU B 40 14.82 -16.02 -6.04
CA GLU B 40 15.74 -16.39 -7.09
C GLU B 40 15.30 -15.76 -8.41
N LYS B 41 13.99 -15.78 -8.66
CA LYS B 41 13.41 -15.21 -9.87
C LYS B 41 12.24 -14.33 -9.50
N ARG B 42 12.02 -13.25 -10.25
CA ARG B 42 10.89 -12.37 -9.97
C ARG B 42 9.66 -13.21 -10.20
N THR B 43 8.82 -13.31 -9.18
CA THR B 43 7.61 -14.14 -9.25
C THR B 43 6.33 -13.33 -9.15
N ASN B 44 5.57 -13.31 -10.24
CA ASN B 44 4.33 -12.56 -10.29
C ASN B 44 4.64 -11.12 -9.86
N GLY B 45 5.79 -10.62 -10.31
CA GLY B 45 6.20 -9.27 -10.00
C GLY B 45 6.94 -9.09 -8.69
N ILE B 46 6.88 -10.09 -7.82
CA ILE B 46 7.53 -9.99 -6.52
C ILE B 46 9.04 -10.21 -6.57
N ARG B 47 9.79 -9.30 -5.93
CA ARG B 47 11.24 -9.42 -5.88
C ARG B 47 11.68 -9.99 -4.52
N ASN B 48 11.13 -9.42 -3.44
CA ASN B 48 11.49 -9.90 -2.12
C ASN B 48 10.42 -9.63 -1.08
N PHE B 49 10.56 -10.29 0.06
CA PHE B 49 9.67 -10.14 1.20
C PHE B 49 10.59 -9.59 2.29
N GLU B 50 10.11 -8.66 3.09
CA GLU B 50 10.95 -8.04 4.10
C GLU B 50 10.35 -7.86 5.49
N ILE B 51 11.19 -8.05 6.50
CA ILE B 51 10.80 -7.84 7.89
C ILE B 51 11.63 -6.60 8.26
N ASN B 52 10.96 -5.44 8.33
CA ASN B 52 11.62 -4.16 8.62
C ASN B 52 11.65 -3.80 10.10
N ASN B 53 12.73 -3.17 10.54
CA ASN B 53 12.84 -2.79 11.95
C ASN B 53 11.84 -1.72 12.33
N ASN B 54 11.18 -1.13 11.34
CA ASN B 54 10.18 -0.09 11.61
C ASN B 54 8.84 -0.69 12.00
N GLY B 55 8.79 -2.02 12.13
CA GLY B 55 7.58 -2.70 12.53
C GLY B 55 6.69 -3.22 11.42
N ASN B 56 7.09 -3.00 10.17
CA ASN B 56 6.27 -3.47 9.06
C ASN B 56 6.88 -4.60 8.26
N MET B 57 6.01 -5.31 7.53
CA MET B 57 6.44 -6.37 6.63
C MET B 57 6.22 -5.75 5.26
N ARG B 58 7.19 -5.88 4.37
CA ARG B 58 7.05 -5.29 3.05
C ARG B 58 7.27 -6.27 1.94
N ILE B 59 6.70 -5.94 0.79
CA ILE B 59 6.87 -6.73 -0.42
C ILE B 59 7.34 -5.70 -1.44
N PHE B 60 8.49 -5.96 -2.05
CA PHE B 60 9.02 -5.07 -3.06
C PHE B 60 8.81 -5.80 -4.37
N GLY B 61 8.14 -5.16 -5.31
CA GLY B 61 7.89 -5.79 -6.59
C GLY B 61 8.10 -4.86 -7.75
N TYR B 62 7.84 -5.37 -8.95
CA TYR B 62 8.01 -4.61 -10.17
C TYR B 62 6.99 -5.06 -11.19
N LYS B 63 6.23 -4.10 -11.72
CA LYS B 63 5.21 -4.36 -12.71
C LYS B 63 4.27 -5.49 -12.29
N MET B 64 3.74 -5.39 -11.09
CA MET B 64 2.80 -6.40 -10.59
C MET B 64 1.45 -6.16 -11.25
N MET B 65 0.74 -7.25 -11.55
CA MET B 65 -0.59 -7.17 -12.18
C MET B 65 -1.63 -6.69 -11.18
N GLU B 66 -2.60 -5.92 -11.66
CA GLU B 66 -3.63 -5.38 -10.80
C GLU B 66 -4.38 -6.40 -9.95
N HIS B 67 -4.78 -7.52 -10.55
CA HIS B 67 -5.50 -8.53 -9.78
C HIS B 67 -4.63 -9.18 -8.72
N HIS B 68 -3.31 -9.13 -8.90
CA HIS B 68 -2.40 -9.70 -7.91
C HIS B 68 -2.23 -8.73 -6.75
N ILE B 69 -2.06 -7.45 -7.06
CA ILE B 69 -1.92 -6.45 -6.02
C ILE B 69 -3.18 -6.46 -5.17
N GLN B 70 -4.32 -6.61 -5.84
CA GLN B 70 -5.63 -6.65 -5.20
C GLN B 70 -5.74 -7.71 -4.12
N LYS B 71 -5.12 -8.86 -4.34
CA LYS B 71 -5.18 -9.92 -3.34
C LYS B 71 -4.47 -9.46 -2.08
N PHE B 72 -3.43 -8.63 -2.24
CA PHE B 72 -2.67 -8.13 -1.10
C PHE B 72 -3.38 -6.97 -0.39
N THR B 73 -3.94 -6.05 -1.15
CA THR B 73 -4.66 -4.94 -0.52
C THR B 73 -5.95 -5.48 0.10
N ASP B 74 -6.39 -6.65 -0.34
CA ASP B 74 -7.59 -7.29 0.19
C ASP B 74 -7.41 -7.71 1.64
N ILE B 75 -6.17 -8.06 2.02
CA ILE B 75 -5.91 -8.48 3.40
C ILE B 75 -5.38 -7.34 4.26
N GLY B 76 -5.41 -6.12 3.74
CA GLY B 76 -4.96 -4.98 4.52
C GLY B 76 -3.62 -4.33 4.18
N MET B 77 -2.93 -4.79 3.15
CA MET B 77 -1.65 -4.18 2.79
C MET B 77 -1.87 -2.83 2.11
N SER B 78 -1.01 -1.86 2.41
CA SER B 78 -1.09 -0.56 1.77
C SER B 78 -0.23 -0.70 0.53
N CYS B 79 -0.47 0.12 -0.49
CA CYS B 79 0.28 0.00 -1.73
C CYS B 79 0.83 1.31 -2.30
N LYS B 80 2.08 1.27 -2.76
CA LYS B 80 2.72 2.41 -3.37
C LYS B 80 3.32 1.97 -4.70
N ILE B 81 2.74 2.47 -5.80
CA ILE B 81 3.22 2.12 -7.13
C ILE B 81 3.87 3.34 -7.77
N ALA B 82 5.14 3.20 -8.13
CA ALA B 82 5.89 4.29 -8.77
C ALA B 82 5.66 4.32 -10.27
N LYS B 83 5.93 5.47 -10.87
CA LYS B 83 5.73 5.63 -12.30
C LYS B 83 6.55 4.60 -13.08
N ASN B 84 7.76 4.29 -12.60
CA ASN B 84 8.63 3.33 -13.27
C ASN B 84 8.18 1.89 -13.14
N GLY B 85 7.14 1.65 -12.33
CA GLY B 85 6.67 0.29 -12.17
C GLY B 85 7.00 -0.36 -10.85
N ASN B 86 7.91 0.24 -10.09
CA ASN B 86 8.27 -0.31 -8.79
C ASN B 86 7.05 -0.27 -7.89
N VAL B 87 6.91 -1.27 -7.04
CA VAL B 87 5.77 -1.32 -6.14
C VAL B 87 6.22 -1.78 -4.77
N TYR B 88 5.67 -1.13 -3.74
CA TYR B 88 5.98 -1.48 -2.37
C TYR B 88 4.67 -1.74 -1.64
N LEU B 89 4.52 -2.94 -1.10
CA LEU B 89 3.31 -3.30 -0.35
C LEU B 89 3.73 -3.38 1.11
N ASP B 90 2.96 -2.74 1.98
CA ASP B 90 3.27 -2.70 3.41
C ASP B 90 2.12 -3.11 4.30
N ILE B 91 2.46 -3.68 5.45
CA ILE B 91 1.47 -4.07 6.45
C ILE B 91 2.17 -4.22 7.80
N LYS B 92 1.46 -3.97 8.88
CA LYS B 92 2.06 -4.09 10.20
C LYS B 92 2.40 -5.55 10.45
N ARG B 93 3.57 -5.79 11.05
CA ARG B 93 4.00 -7.15 11.35
C ARG B 93 3.16 -7.75 12.46
N SER B 94 2.76 -9.01 12.25
CA SER B 94 1.98 -9.79 13.21
C SER B 94 2.01 -11.23 12.71
N ALA B 95 1.88 -12.19 13.62
CA ALA B 95 1.88 -13.59 13.23
C ALA B 95 0.81 -13.84 12.16
N GLU B 96 -0.36 -13.25 12.35
CA GLU B 96 -1.46 -13.42 11.42
C GLU B 96 -1.23 -12.76 10.07
N ASN B 97 -0.70 -11.54 10.05
CA ASN B 97 -0.44 -10.87 8.78
C ASN B 97 0.69 -11.54 8.00
N ILE B 98 1.71 -12.02 8.70
CA ILE B 98 2.82 -12.68 8.03
C ILE B 98 2.29 -13.94 7.33
N GLU B 99 1.50 -14.72 8.06
CA GLU B 99 0.91 -15.94 7.52
C GLU B 99 -0.02 -15.59 6.35
N ALA B 100 -0.82 -14.55 6.51
CA ALA B 100 -1.76 -14.12 5.48
C ALA B 100 -1.08 -13.65 4.20
N VAL B 101 -0.03 -12.85 4.34
CA VAL B 101 0.68 -12.32 3.20
C VAL B 101 1.32 -13.41 2.34
N ILE B 102 2.00 -14.36 2.98
CA ILE B 102 2.65 -15.44 2.25
C ILE B 102 1.65 -16.39 1.64
N THR B 103 0.58 -16.69 2.37
CA THR B 103 -0.44 -17.58 1.87
C THR B 103 -1.06 -16.96 0.62
N VAL B 104 -1.28 -15.66 0.65
CA VAL B 104 -1.84 -14.96 -0.50
C VAL B 104 -0.87 -15.03 -1.68
N ALA B 105 0.41 -14.80 -1.41
CA ALA B 105 1.42 -14.85 -2.46
C ALA B 105 1.46 -16.20 -3.15
N SER B 106 1.20 -17.26 -2.39
CA SER B 106 1.23 -18.63 -2.94
C SER B 106 0.03 -18.92 -3.84
N GLU B 107 -1.02 -18.11 -3.73
CA GLU B 107 -2.23 -18.31 -4.51
C GLU B 107 -2.33 -17.43 -5.75
N LEU B 108 -1.29 -16.64 -6.01
CA LEU B 108 -1.30 -15.77 -7.18
C LEU B 108 -1.11 -16.58 -8.45
N MET C 1 21.80 -8.57 46.05
CA MET C 1 20.32 -8.60 45.83
C MET C 1 19.63 -8.76 47.17
N GLU C 2 18.38 -8.32 47.25
CA GLU C 2 17.60 -8.43 48.46
C GLU C 2 16.45 -9.38 48.18
N ILE C 3 16.68 -10.66 48.45
CA ILE C 3 15.66 -11.69 48.23
C ILE C 3 15.16 -12.19 49.58
N THR C 4 13.85 -12.13 49.78
CA THR C 4 13.23 -12.56 51.02
C THR C 4 12.66 -13.98 50.90
N SER C 5 12.40 -14.61 52.04
CA SER C 5 11.87 -15.97 52.06
C SER C 5 10.54 -16.11 51.33
N ASP C 6 9.71 -15.08 51.38
CA ASP C 6 8.42 -15.14 50.69
C ASP C 6 8.62 -15.14 49.18
N MET C 7 9.69 -14.50 48.71
CA MET C 7 9.97 -14.48 47.28
C MET C 7 10.43 -15.87 46.85
N GLU C 8 11.26 -16.50 47.67
CA GLU C 8 11.75 -17.84 47.34
C GLU C 8 10.59 -18.83 47.26
N GLU C 9 9.69 -18.76 48.24
CA GLU C 9 8.52 -19.65 48.26
C GLU C 9 7.65 -19.46 47.03
N ASP C 10 7.36 -18.20 46.73
CA ASP C 10 6.53 -17.87 45.58
C ASP C 10 7.19 -18.28 44.27
N LYS C 11 8.51 -18.07 44.17
CA LYS C 11 9.23 -18.46 42.96
C LYS C 11 9.16 -19.97 42.78
N ASP C 12 9.32 -20.71 43.87
CA ASP C 12 9.26 -22.16 43.79
C ASP C 12 7.88 -22.65 43.37
N LEU C 13 6.85 -22.01 43.89
CA LEU C 13 5.49 -22.39 43.53
C LEU C 13 5.28 -22.08 42.05
N MET C 14 5.78 -20.94 41.61
CA MET C 14 5.65 -20.54 40.21
C MET C 14 6.33 -21.55 39.31
N LEU C 15 7.56 -21.91 39.65
CA LEU C 15 8.30 -22.89 38.85
C LEU C 15 7.62 -24.26 38.80
N LYS C 16 7.01 -24.65 39.91
CA LYS C 16 6.32 -25.93 40.02
C LYS C 16 5.11 -25.97 39.10
N LEU C 17 4.30 -24.91 39.13
CA LEU C 17 3.12 -24.85 38.29
C LEU C 17 3.48 -24.63 36.82
N LEU C 18 4.56 -23.89 36.57
CA LEU C 18 4.97 -23.68 35.18
C LEU C 18 5.35 -25.03 34.57
N ASP C 19 6.12 -25.84 35.31
CA ASP C 19 6.54 -27.14 34.77
C ASP C 19 5.35 -28.09 34.62
N LYS C 20 4.46 -28.06 35.61
CA LYS C 20 3.28 -28.92 35.55
C LYS C 20 2.54 -28.70 34.23
N ASN C 21 2.47 -27.44 33.80
CA ASN C 21 1.74 -27.09 32.58
C ASN C 21 2.56 -27.04 31.29
N GLY C 22 3.79 -27.56 31.34
CA GLY C 22 4.61 -27.57 30.14
C GLY C 22 5.25 -26.27 29.68
N PHE C 23 5.41 -25.29 30.57
CA PHE C 23 6.09 -24.07 30.16
C PHE C 23 7.57 -24.38 30.32
N VAL C 24 8.34 -24.12 29.28
CA VAL C 24 9.78 -24.39 29.30
C VAL C 24 10.61 -23.14 29.51
N LEU C 25 11.50 -23.17 30.50
CA LEU C 25 12.34 -22.02 30.80
C LEU C 25 13.76 -22.15 30.26
N LYS C 26 14.31 -21.01 29.85
CA LYS C 26 15.69 -20.95 29.37
C LYS C 26 16.56 -20.90 30.63
N LYS C 27 16.09 -20.12 31.60
CA LYS C 27 16.78 -19.94 32.87
C LYS C 27 15.95 -19.06 33.80
N VAL C 28 16.43 -18.91 35.02
CA VAL C 28 15.79 -18.04 36.01
C VAL C 28 16.86 -17.03 36.35
N GLU C 29 16.50 -15.76 36.43
CA GLU C 29 17.47 -14.73 36.78
C GLU C 29 17.01 -13.94 37.98
N ILE C 30 17.98 -13.42 38.72
CA ILE C 30 17.68 -12.54 39.83
C ILE C 30 18.22 -11.24 39.26
N TYR C 31 17.34 -10.27 39.07
CA TYR C 31 17.70 -8.98 38.48
C TYR C 31 16.97 -7.89 39.25
N ARG C 32 17.70 -6.91 39.77
CA ARG C 32 17.08 -5.83 40.53
C ARG C 32 16.20 -6.42 41.63
N SER C 33 16.72 -7.48 42.26
CA SER C 33 16.02 -8.15 43.33
C SER C 33 14.62 -8.66 42.97
N ASN C 34 14.47 -9.13 41.73
CA ASN C 34 13.23 -9.70 41.24
C ASN C 34 13.60 -11.06 40.65
N TYR C 35 12.69 -12.04 40.73
CA TYR C 35 12.93 -13.36 40.16
C TYR C 35 12.26 -13.38 38.79
N LEU C 36 13.04 -13.66 37.75
CA LEU C 36 12.50 -13.70 36.40
C LEU C 36 12.58 -15.11 35.83
N ALA C 37 11.41 -15.66 35.46
CA ALA C 37 11.36 -16.98 34.85
C ALA C 37 11.27 -16.69 33.35
N ILE C 38 12.40 -16.84 32.66
CA ILE C 38 12.47 -16.55 31.23
C ILE C 38 12.15 -17.76 30.37
N LEU C 39 11.10 -17.66 29.56
CA LEU C 39 10.71 -18.74 28.67
C LEU C 39 11.71 -18.94 27.55
N GLU C 40 11.90 -20.20 27.15
CA GLU C 40 12.80 -20.54 26.07
C GLU C 40 12.31 -19.90 24.77
N LYS C 41 10.98 -19.89 24.59
CA LYS C 41 10.38 -19.31 23.39
C LYS C 41 9.11 -18.53 23.76
N ARG C 42 8.85 -17.43 23.06
CA ARG C 42 7.65 -16.65 23.33
C ARG C 42 6.47 -17.59 23.14
N THR C 43 5.62 -17.68 24.17
CA THR C 43 4.48 -18.59 24.15
C THR C 43 3.18 -17.81 24.32
N ASN C 44 2.38 -17.77 23.26
CA ASN C 44 1.13 -17.01 23.28
C ASN C 44 1.42 -15.57 23.69
N GLY C 45 2.55 -15.04 23.19
CA GLY C 45 2.94 -13.68 23.48
C GLY C 45 3.74 -13.49 24.76
N ILE C 46 3.74 -14.49 25.62
CA ILE C 46 4.45 -14.41 26.89
C ILE C 46 5.96 -14.64 26.79
N ARG C 47 6.74 -13.76 27.42
CA ARG C 47 8.19 -13.90 27.43
C ARG C 47 8.69 -14.35 28.80
N ASN C 48 8.25 -13.66 29.86
CA ASN C 48 8.66 -14.01 31.23
C ASN C 48 7.49 -14.00 32.22
N PHE C 49 7.66 -14.77 33.29
CA PHE C 49 6.73 -14.80 34.43
C PHE C 49 7.66 -14.28 35.51
N GLU C 50 7.22 -13.30 36.30
CA GLU C 50 8.09 -12.68 37.28
C GLU C 50 7.55 -12.52 38.70
N ILE C 51 8.41 -12.76 39.69
CA ILE C 51 8.04 -12.59 41.10
C ILE C 51 8.85 -11.36 41.52
N ASN C 52 8.17 -10.24 41.74
CA ASN C 52 8.85 -8.99 42.08
C ASN C 52 8.88 -8.64 43.56
N ASN C 53 9.95 -7.99 43.99
CA ASN C 53 10.09 -7.61 45.39
C ASN C 53 9.01 -6.61 45.84
N ASN C 54 8.42 -5.90 44.88
CA ASN C 54 7.39 -4.92 45.22
C ASN C 54 6.07 -5.56 45.64
N GLY C 55 6.01 -6.90 45.56
CA GLY C 55 4.81 -7.60 45.96
C GLY C 55 3.91 -8.07 44.84
N ASN C 56 4.32 -7.84 43.60
CA ASN C 56 3.49 -8.28 42.49
C ASN C 56 4.07 -9.45 41.73
N MET C 57 3.19 -10.15 41.03
CA MET C 57 3.61 -11.22 40.14
C MET C 57 3.33 -10.53 38.82
N ARG C 58 4.25 -10.67 37.87
CA ARG C 58 4.05 -10.02 36.58
C ARG C 58 4.28 -10.93 35.39
N ILE C 59 3.51 -10.69 34.34
CA ILE C 59 3.70 -11.42 33.11
C ILE C 59 4.23 -10.37 32.15
N PHE C 60 5.37 -10.66 31.54
CA PHE C 60 5.98 -9.77 30.57
C PHE C 60 5.81 -10.42 29.21
N GLY C 61 5.06 -9.75 28.34
CA GLY C 61 4.83 -10.29 27.01
C GLY C 61 5.09 -9.29 25.90
N TYR C 62 4.77 -9.73 24.69
CA TYR C 62 4.96 -8.91 23.50
C TYR C 62 3.96 -9.38 22.46
N LYS C 63 3.20 -8.42 21.92
CA LYS C 63 2.19 -8.72 20.92
C LYS C 63 1.25 -9.83 21.37
N MET C 64 0.72 -9.70 22.59
CA MET C 64 -0.22 -10.69 23.09
C MET C 64 -1.56 -10.39 22.42
N MET C 65 -2.39 -11.42 22.25
CA MET C 65 -3.69 -11.21 21.62
C MET C 65 -4.63 -10.54 22.60
N GLU C 66 -5.52 -9.69 22.08
CA GLU C 66 -6.47 -8.97 22.91
C GLU C 66 -7.33 -9.90 23.76
N HIS C 67 -7.86 -10.97 23.15
CA HIS C 67 -8.71 -11.87 23.90
C HIS C 67 -7.95 -12.67 24.95
N HIS C 68 -6.64 -12.84 24.75
CA HIS C 68 -5.83 -13.55 25.74
C HIS C 68 -5.62 -12.62 26.93
N ILE C 69 -5.35 -11.35 26.65
CA ILE C 69 -5.15 -10.37 27.71
C ILE C 69 -6.43 -10.28 28.55
N GLN C 70 -7.58 -10.31 27.88
CA GLN C 70 -8.87 -10.23 28.56
C GLN C 70 -9.05 -11.36 29.57
N LYS C 71 -8.55 -12.54 29.23
CA LYS C 71 -8.68 -13.69 30.12
C LYS C 71 -7.88 -13.45 31.40
N PHE C 72 -6.78 -12.70 31.28
CA PHE C 72 -5.95 -12.38 32.43
C PHE C 72 -6.55 -11.26 33.26
N THR C 73 -7.01 -10.20 32.62
CA THR C 73 -7.61 -9.10 33.37
C THR C 73 -8.92 -9.54 34.01
N ASP C 74 -9.56 -10.56 33.43
CA ASP C 74 -10.81 -11.09 33.99
C ASP C 74 -10.61 -11.65 35.39
N ILE C 75 -9.44 -12.22 35.66
CA ILE C 75 -9.17 -12.76 36.99
C ILE C 75 -8.53 -11.75 37.93
N GLY C 76 -8.46 -10.49 37.50
CA GLY C 76 -7.90 -9.46 38.36
C GLY C 76 -6.54 -8.88 38.03
N MET C 77 -5.93 -9.31 36.93
CA MET C 77 -4.63 -8.74 36.56
C MET C 77 -4.85 -7.37 35.92
N SER C 78 -3.89 -6.46 36.09
CA SER C 78 -3.98 -5.16 35.47
C SER C 78 -3.13 -5.33 34.22
N CYS C 79 -3.38 -4.54 33.18
CA CYS C 79 -2.57 -4.67 31.98
C CYS C 79 -2.27 -3.34 31.33
N LYS C 80 -1.05 -3.20 30.84
CA LYS C 80 -0.66 -1.99 30.14
C LYS C 80 0.36 -2.35 29.07
N ILE C 81 0.22 -1.71 27.91
CA ILE C 81 1.13 -1.97 26.80
C ILE C 81 2.04 -0.76 26.70
N ALA C 82 3.35 -0.99 26.81
CA ALA C 82 4.31 0.10 26.74
C ALA C 82 4.55 0.57 25.31
N LYS C 83 5.21 1.72 25.18
CA LYS C 83 5.52 2.29 23.88
C LYS C 83 6.15 1.28 22.94
N ASN C 84 7.23 0.65 23.39
CA ASN C 84 7.96 -0.34 22.60
C ASN C 84 7.16 -1.62 22.35
N GLY C 85 5.91 -1.63 22.79
CA GLY C 85 5.07 -2.80 22.56
C GLY C 85 5.10 -3.87 23.63
N ASN C 86 5.93 -3.70 24.64
CA ASN C 86 6.00 -4.69 25.71
C ASN C 86 4.68 -4.69 26.47
N VAL C 87 4.19 -5.88 26.79
CA VAL C 87 2.93 -5.99 27.53
C VAL C 87 3.27 -6.35 28.97
N TYR C 88 2.73 -5.60 29.92
CA TYR C 88 2.98 -5.89 31.33
C TYR C 88 1.69 -6.13 32.09
N LEU C 89 1.53 -7.34 32.61
CA LEU C 89 0.34 -7.66 33.39
C LEU C 89 0.79 -7.88 34.84
N ASP C 90 0.05 -7.31 35.78
CA ASP C 90 0.39 -7.43 37.19
C ASP C 90 -0.78 -7.83 38.07
N ILE C 91 -0.45 -8.45 39.19
CA ILE C 91 -1.45 -8.87 40.18
C ILE C 91 -0.68 -9.11 41.48
N LYS C 92 -1.32 -8.88 42.61
CA LYS C 92 -0.66 -9.08 43.89
C LYS C 92 -0.30 -10.54 44.07
N ARG C 93 0.88 -10.78 44.64
CA ARG C 93 1.33 -12.14 44.88
C ARG C 93 0.56 -12.81 46.01
N SER C 94 0.22 -14.08 45.80
CA SER C 94 -0.48 -14.92 46.77
C SER C 94 -0.48 -16.32 46.17
N ALA C 95 -0.53 -17.34 47.02
CA ALA C 95 -0.55 -18.71 46.50
C ALA C 95 -1.67 -18.87 45.48
N GLU C 96 -2.84 -18.32 45.81
CA GLU C 96 -3.99 -18.41 44.93
C GLU C 96 -3.81 -17.69 43.60
N ASN C 97 -3.30 -16.46 43.66
CA ASN C 97 -3.12 -15.72 42.42
C ASN C 97 -2.05 -16.34 41.52
N ILE C 98 -0.99 -16.86 42.12
CA ILE C 98 0.07 -17.47 41.32
C ILE C 98 -0.48 -18.63 40.52
N GLU C 99 -1.28 -19.46 41.17
CA GLU C 99 -1.88 -20.61 40.50
C GLU C 99 -2.90 -20.16 39.46
N ALA C 100 -3.72 -19.18 39.82
CA ALA C 100 -4.73 -18.64 38.90
C ALA C 100 -4.10 -18.15 37.61
N VAL C 101 -3.05 -17.33 37.74
CA VAL C 101 -2.37 -16.78 36.57
C VAL C 101 -1.79 -17.84 35.65
N ILE C 102 -1.08 -18.80 36.22
CA ILE C 102 -0.45 -19.85 35.42
C ILE C 102 -1.50 -20.76 34.78
N THR C 103 -2.61 -20.97 35.48
CA THR C 103 -3.68 -21.81 34.94
C THR C 103 -4.32 -21.12 33.74
N VAL C 104 -4.57 -19.82 33.85
CA VAL C 104 -5.17 -19.08 32.75
C VAL C 104 -4.21 -19.14 31.55
N ALA C 105 -2.92 -18.96 31.82
CA ALA C 105 -1.90 -18.99 30.77
C ALA C 105 -1.87 -20.34 30.06
N SER C 106 -2.09 -21.42 30.81
CA SER C 106 -2.08 -22.76 30.25
C SER C 106 -3.30 -23.04 29.38
N GLU C 107 -4.36 -22.25 29.56
CA GLU C 107 -5.59 -22.47 28.81
C GLU C 107 -5.89 -21.46 27.71
N LEU C 108 -4.89 -20.66 27.35
CA LEU C 108 -5.03 -19.67 26.29
C LEU C 108 -5.20 -20.36 24.94
N SER D 5 -23.35 4.00 -25.09
CA SER D 5 -22.96 5.32 -25.69
C SER D 5 -21.61 5.77 -25.16
N ASP D 6 -20.75 4.83 -24.83
CA ASP D 6 -19.43 5.16 -24.31
C ASP D 6 -18.52 5.77 -25.36
N MET D 7 -18.45 5.16 -26.55
CA MET D 7 -17.61 5.70 -27.61
C MET D 7 -18.10 7.08 -28.03
N GLU D 8 -19.43 7.24 -28.10
CA GLU D 8 -19.98 8.53 -28.52
C GLU D 8 -19.64 9.62 -27.51
N GLU D 9 -19.65 9.28 -26.23
CA GLU D 9 -19.33 10.23 -25.18
C GLU D 9 -17.85 10.58 -25.29
N ASP D 10 -17.02 9.59 -25.62
CA ASP D 10 -15.59 9.83 -25.76
C ASP D 10 -15.32 10.72 -26.97
N LYS D 11 -16.12 10.55 -28.03
CA LYS D 11 -15.94 11.39 -29.21
C LYS D 11 -16.26 12.84 -28.86
N ASP D 12 -17.34 13.05 -28.10
CA ASP D 12 -17.72 14.40 -27.68
C ASP D 12 -16.66 15.02 -26.78
N LEU D 13 -16.04 14.20 -25.93
CA LEU D 13 -15.00 14.69 -25.03
C LEU D 13 -13.77 15.14 -25.81
N MET D 14 -13.39 14.36 -26.82
CA MET D 14 -12.22 14.71 -27.63
C MET D 14 -12.44 16.08 -28.28
N LEU D 15 -13.61 16.28 -28.86
CA LEU D 15 -13.95 17.54 -29.52
C LEU D 15 -13.87 18.69 -28.49
N LYS D 16 -14.38 18.42 -27.29
CA LYS D 16 -14.37 19.40 -26.22
C LYS D 16 -12.96 19.79 -25.82
N LEU D 17 -12.10 18.78 -25.61
CA LEU D 17 -10.73 19.04 -25.21
C LEU D 17 -9.89 19.68 -26.30
N LEU D 18 -10.15 19.33 -27.55
CA LEU D 18 -9.40 19.91 -28.67
C LEU D 18 -9.71 21.40 -28.75
N ASP D 19 -10.98 21.75 -28.56
CA ASP D 19 -11.40 23.14 -28.62
C ASP D 19 -10.76 23.92 -27.48
N LYS D 20 -10.78 23.33 -26.29
CA LYS D 20 -10.22 23.98 -25.10
C LYS D 20 -8.73 24.26 -25.24
N ASN D 21 -8.03 23.38 -25.97
CA ASN D 21 -6.59 23.54 -26.13
C ASN D 21 -6.12 24.23 -27.40
N GLY D 22 -7.05 24.87 -28.10
CA GLY D 22 -6.69 25.61 -29.29
C GLY D 22 -6.49 24.83 -30.57
N PHE D 23 -6.82 23.54 -30.57
CA PHE D 23 -6.66 22.75 -31.79
C PHE D 23 -7.86 22.99 -32.71
N VAL D 24 -7.85 24.15 -33.38
CA VAL D 24 -8.94 24.51 -34.28
C VAL D 24 -9.09 23.44 -35.37
N LEU D 25 -10.33 23.08 -35.65
CA LEU D 25 -10.60 22.06 -36.65
C LEU D 25 -11.12 22.63 -37.95
N LYS D 26 -10.74 22.02 -39.07
CA LYS D 26 -11.23 22.43 -40.37
C LYS D 26 -12.64 21.85 -40.41
N LYS D 27 -12.78 20.66 -39.84
CA LYS D 27 -14.05 19.96 -39.80
C LYS D 27 -13.82 18.60 -39.17
N VAL D 28 -14.92 17.89 -38.91
CA VAL D 28 -14.84 16.54 -38.39
C VAL D 28 -15.49 15.69 -39.47
N GLU D 29 -14.81 14.62 -39.90
CA GLU D 29 -15.37 13.74 -40.91
C GLU D 29 -15.74 12.45 -40.21
N ILE D 30 -17.00 12.03 -40.37
CA ILE D 30 -17.47 10.82 -39.75
C ILE D 30 -17.79 9.72 -40.75
N TYR D 31 -17.03 8.63 -40.69
CA TYR D 31 -17.26 7.49 -41.57
C TYR D 31 -17.81 6.35 -40.71
N ARG D 32 -18.23 5.27 -41.35
CA ARG D 32 -18.78 4.14 -40.62
C ARG D 32 -17.83 3.51 -39.61
N SER D 33 -16.53 3.54 -39.92
CA SER D 33 -15.55 2.93 -39.03
C SER D 33 -14.49 3.87 -38.45
N ASN D 34 -14.53 5.15 -38.82
CA ASN D 34 -13.53 6.09 -38.32
C ASN D 34 -14.11 7.49 -38.13
N TYR D 35 -13.65 8.18 -37.08
CA TYR D 35 -14.11 9.53 -36.75
C TYR D 35 -12.84 10.39 -36.79
N LEU D 36 -12.80 11.35 -37.70
CA LEU D 36 -11.61 12.18 -37.84
C LEU D 36 -11.78 13.65 -37.52
N ALA D 37 -10.95 14.15 -36.59
CA ALA D 37 -10.95 15.56 -36.23
C ALA D 37 -9.74 16.11 -36.99
N ILE D 38 -10.02 16.79 -38.09
CA ILE D 38 -8.97 17.33 -38.95
C ILE D 38 -8.54 18.73 -38.54
N LEU D 39 -7.27 18.89 -38.18
CA LEU D 39 -6.77 20.21 -37.78
C LEU D 39 -6.76 21.19 -38.94
N GLU D 40 -7.12 22.43 -38.64
CA GLU D 40 -7.14 23.50 -39.64
C GLU D 40 -5.71 23.72 -40.10
N LYS D 41 -4.78 23.64 -39.15
CA LYS D 41 -3.36 23.81 -39.43
C LYS D 41 -2.55 22.63 -38.90
N ARG D 42 -1.69 22.07 -39.75
CA ARG D 42 -0.84 20.96 -39.31
C ARG D 42 0.01 21.53 -38.17
N THR D 43 -0.01 20.85 -37.03
CA THR D 43 0.70 21.32 -35.85
C THR D 43 1.71 20.32 -35.33
N ASN D 44 2.98 20.68 -35.40
CA ASN D 44 4.05 19.79 -34.96
C ASN D 44 3.93 18.46 -35.68
N GLY D 45 3.52 18.54 -36.94
CA GLY D 45 3.39 17.35 -37.77
C GLY D 45 2.06 16.62 -37.62
N ILE D 46 1.27 16.99 -36.61
CA ILE D 46 -0.03 16.36 -36.40
C ILE D 46 -1.05 16.81 -37.44
N ARG D 47 -1.72 15.84 -38.07
CA ARG D 47 -2.75 16.14 -39.07
C ARG D 47 -4.14 15.95 -38.45
N ASN D 48 -4.41 14.76 -37.94
CA ASN D 48 -5.70 14.51 -37.31
C ASN D 48 -5.61 13.77 -35.99
N PHE D 49 -6.70 13.85 -35.24
CA PHE D 49 -6.87 13.12 -33.99
C PHE D 49 -8.03 12.23 -34.41
N GLU D 50 -7.94 10.94 -34.14
CA GLU D 50 -8.98 10.02 -34.59
C GLU D 50 -9.48 9.00 -33.56
N ILE D 51 -10.72 8.57 -33.75
CA ILE D 51 -11.33 7.54 -32.91
C ILE D 51 -11.89 6.51 -33.87
N ASN D 52 -11.31 5.32 -33.84
CA ASN D 52 -11.67 4.24 -34.76
C ASN D 52 -12.51 3.14 -34.13
N ASN D 53 -13.26 2.43 -34.97
CA ASN D 53 -14.10 1.34 -34.48
C ASN D 53 -13.27 0.17 -33.98
N ASN D 54 -11.96 0.21 -34.16
CA ASN D 54 -11.12 -0.88 -33.68
C ASN D 54 -10.87 -0.72 -32.18
N GLY D 55 -11.44 0.33 -31.59
CA GLY D 55 -11.29 0.57 -30.17
C GLY D 55 -10.13 1.47 -29.73
N ASN D 56 -9.43 2.05 -30.69
CA ASN D 56 -8.30 2.92 -30.35
C ASN D 56 -8.51 4.39 -30.68
N MET D 57 -7.66 5.21 -30.09
CA MET D 57 -7.63 6.65 -30.33
C MET D 57 -6.31 6.78 -31.06
N ARG D 58 -6.29 7.59 -32.12
CA ARG D 58 -5.07 7.75 -32.90
C ARG D 58 -4.73 9.17 -33.27
N ILE D 59 -3.43 9.41 -33.41
CA ILE D 59 -2.93 10.69 -33.87
C ILE D 59 -2.28 10.33 -35.20
N PHE D 60 -2.68 11.03 -36.24
CA PHE D 60 -2.11 10.79 -37.56
C PHE D 60 -1.23 12.00 -37.86
N GLY D 61 0.06 11.73 -38.07
CA GLY D 61 0.98 12.82 -38.33
C GLY D 61 1.91 12.54 -39.50
N TYR D 62 2.77 13.51 -39.78
CA TYR D 62 3.72 13.40 -40.88
C TYR D 62 5.08 13.94 -40.44
N LYS D 63 6.08 13.08 -40.51
CA LYS D 63 7.45 13.44 -40.12
C LYS D 63 7.53 14.20 -38.80
N MET D 64 6.86 13.67 -37.78
CA MET D 64 6.88 14.29 -36.46
C MET D 64 8.28 14.14 -35.90
N MET D 65 8.74 15.14 -35.15
CA MET D 65 10.07 15.09 -34.57
C MET D 65 10.17 13.99 -33.51
N GLU D 66 11.32 13.32 -33.47
CA GLU D 66 11.56 12.24 -32.53
C GLU D 66 11.31 12.62 -31.07
N HIS D 67 11.77 13.79 -30.66
CA HIS D 67 11.56 14.20 -29.27
C HIS D 67 10.09 14.46 -28.95
N HIS D 68 9.30 14.76 -29.98
CA HIS D 68 7.87 14.97 -29.77
C HIS D 68 7.19 13.61 -29.65
N ILE D 69 7.55 12.69 -30.55
CA ILE D 69 6.98 11.35 -30.53
C ILE D 69 7.23 10.68 -29.20
N GLN D 70 8.42 10.90 -28.64
CA GLN D 70 8.80 10.30 -27.36
C GLN D 70 7.83 10.69 -26.24
N LYS D 71 7.32 11.91 -26.30
CA LYS D 71 6.38 12.38 -25.29
C LYS D 71 5.12 11.53 -25.29
N PHE D 72 4.71 11.08 -26.48
CA PHE D 72 3.52 10.25 -26.59
C PHE D 72 3.79 8.79 -26.22
N THR D 73 4.91 8.26 -26.67
CA THR D 73 5.22 6.88 -26.33
C THR D 73 5.52 6.79 -24.83
N ASP D 74 5.96 7.89 -24.24
CA ASP D 74 6.25 7.92 -22.82
C ASP D 74 5.01 7.65 -21.97
N ILE D 75 3.84 8.06 -22.46
CA ILE D 75 2.60 7.84 -21.72
C ILE D 75 1.87 6.57 -22.14
N GLY D 76 2.49 5.76 -23.00
CA GLY D 76 1.87 4.51 -23.40
C GLY D 76 1.37 4.33 -24.83
N MET D 77 1.52 5.34 -25.69
CA MET D 77 1.07 5.20 -27.06
C MET D 77 2.06 4.34 -27.85
N SER D 78 1.55 3.56 -28.79
CA SER D 78 2.40 2.75 -29.65
C SER D 78 2.70 3.66 -30.83
N CYS D 79 3.76 3.36 -31.58
CA CYS D 79 4.11 4.21 -32.70
C CYS D 79 4.51 3.43 -33.94
N LYS D 80 3.93 3.81 -35.07
CA LYS D 80 4.24 3.19 -36.36
C LYS D 80 4.75 4.29 -37.29
N ILE D 81 6.00 4.22 -37.70
CA ILE D 81 6.59 5.20 -38.58
C ILE D 81 6.86 4.55 -39.94
N ALA D 82 6.23 5.06 -40.98
CA ALA D 82 6.38 4.52 -42.32
C ALA D 82 7.54 5.15 -43.05
N LYS D 83 7.96 4.50 -44.14
CA LYS D 83 9.05 4.96 -44.97
C LYS D 83 8.74 6.35 -45.52
N ASN D 84 7.51 6.53 -45.99
CA ASN D 84 7.11 7.80 -46.58
C ASN D 84 7.00 8.94 -45.56
N GLY D 85 7.23 8.62 -44.28
CA GLY D 85 7.17 9.64 -43.25
C GLY D 85 5.91 9.64 -42.42
N ASN D 86 4.86 8.97 -42.87
CA ASN D 86 3.62 8.92 -42.12
C ASN D 86 3.84 8.36 -40.72
N VAL D 87 3.16 8.94 -39.74
CA VAL D 87 3.29 8.50 -38.36
C VAL D 87 1.93 8.22 -37.76
N TYR D 88 1.80 7.06 -37.13
CA TYR D 88 0.54 6.68 -36.49
C TYR D 88 0.81 6.37 -35.02
N LEU D 89 0.22 7.17 -34.13
CA LEU D 89 0.36 6.96 -32.70
C LEU D 89 -0.99 6.44 -32.20
N ASP D 90 -0.98 5.28 -31.53
CA ASP D 90 -2.22 4.69 -31.05
C ASP D 90 -2.22 4.36 -29.56
N ILE D 91 -3.42 4.28 -29.00
CA ILE D 91 -3.62 3.92 -27.60
C ILE D 91 -5.09 3.55 -27.42
N LYS D 92 -5.39 2.67 -26.46
CA LYS D 92 -6.76 2.27 -26.21
C LYS D 92 -7.61 3.52 -25.94
N ARG D 93 -8.77 3.59 -26.56
CA ARG D 93 -9.65 4.73 -26.37
C ARG D 93 -10.35 4.69 -25.01
N SER D 94 -10.18 5.75 -24.24
CA SER D 94 -10.78 5.88 -22.93
C SER D 94 -10.82 7.37 -22.59
N ALA D 95 -11.70 7.77 -21.69
CA ALA D 95 -11.79 9.18 -21.32
C ALA D 95 -10.45 9.66 -20.76
N GLU D 96 -9.81 8.82 -19.95
CA GLU D 96 -8.52 9.21 -19.36
C GLU D 96 -7.43 9.34 -20.42
N ASN D 97 -7.38 8.41 -21.35
CA ASN D 97 -6.35 8.45 -22.40
C ASN D 97 -6.58 9.60 -23.38
N ILE D 98 -7.84 9.89 -23.68
CA ILE D 98 -8.15 10.99 -24.61
C ILE D 98 -7.63 12.30 -24.03
N GLU D 99 -7.85 12.51 -22.74
CA GLU D 99 -7.39 13.74 -22.10
C GLU D 99 -5.86 13.77 -21.99
N ALA D 100 -5.26 12.62 -21.69
CA ALA D 100 -3.81 12.53 -21.57
C ALA D 100 -3.10 12.83 -22.89
N VAL D 101 -3.58 12.21 -23.96
CA VAL D 101 -3.00 12.41 -25.28
C VAL D 101 -3.10 13.85 -25.75
N ILE D 102 -4.28 14.45 -25.58
CA ILE D 102 -4.49 15.83 -26.00
C ILE D 102 -3.65 16.78 -25.16
N THR D 103 -3.48 16.46 -23.88
CA THR D 103 -2.67 17.30 -23.00
C THR D 103 -1.21 17.29 -23.45
N VAL D 104 -0.70 16.11 -23.76
CA VAL D 104 0.67 15.98 -24.22
C VAL D 104 0.86 16.76 -25.52
N ALA D 105 -0.11 16.62 -26.43
CA ALA D 105 -0.04 17.29 -27.71
C ALA D 105 -0.10 18.81 -27.58
N SER D 106 -0.91 19.29 -26.65
CA SER D 106 -1.07 20.72 -26.44
C SER D 106 0.18 21.37 -25.84
N GLU D 107 1.01 20.58 -25.17
CA GLU D 107 2.21 21.09 -24.53
C GLU D 107 3.52 20.84 -25.29
N LEU D 108 3.42 20.33 -26.52
CA LEU D 108 4.61 20.08 -27.32
C LEU D 108 5.37 21.38 -27.54
N ASP E 6 -27.69 4.62 7.09
CA ASP E 6 -26.60 4.20 6.16
C ASP E 6 -25.30 4.94 6.49
N MET E 7 -24.22 4.18 6.65
CA MET E 7 -22.93 4.77 6.97
C MET E 7 -22.37 5.50 5.76
N GLU E 8 -22.75 5.06 4.56
CA GLU E 8 -22.28 5.69 3.33
C GLU E 8 -22.49 7.20 3.40
N GLU E 9 -23.27 7.66 4.39
CA GLU E 9 -23.53 9.09 4.57
C GLU E 9 -22.22 9.83 4.85
N ASP E 10 -21.12 9.13 4.63
CA ASP E 10 -19.80 9.69 4.78
C ASP E 10 -19.66 10.71 3.66
N LYS E 11 -20.50 10.57 2.64
CA LYS E 11 -20.50 11.49 1.52
C LYS E 11 -20.94 12.86 1.99
N ASP E 12 -21.96 12.90 2.83
CA ASP E 12 -22.46 14.16 3.37
C ASP E 12 -21.37 14.83 4.20
N LEU E 13 -20.62 14.01 4.93
CA LEU E 13 -19.54 14.53 5.76
C LEU E 13 -18.45 15.12 4.87
N MET E 14 -18.10 14.41 3.80
CA MET E 14 -17.07 14.91 2.90
C MET E 14 -17.47 16.25 2.32
N LEU E 15 -18.73 16.36 1.87
CA LEU E 15 -19.20 17.63 1.30
C LEU E 15 -19.13 18.74 2.32
N LYS E 16 -19.49 18.44 3.56
CA LYS E 16 -19.45 19.45 4.61
C LYS E 16 -18.02 19.90 4.88
N LEU E 17 -17.10 18.95 5.00
CA LEU E 17 -15.71 19.29 5.27
C LEU E 17 -15.06 20.03 4.11
N LEU E 18 -15.41 19.66 2.88
CA LEU E 18 -14.84 20.36 1.73
C LEU E 18 -15.28 21.83 1.72
N ASP E 19 -16.57 22.07 1.99
CA ASP E 19 -17.09 23.43 2.02
C ASP E 19 -16.44 24.23 3.16
N LYS E 20 -16.38 23.62 4.34
CA LYS E 20 -15.79 24.27 5.50
C LYS E 20 -14.33 24.66 5.29
N ASN E 21 -13.62 23.86 4.52
CA ASN E 21 -12.20 24.13 4.27
C ASN E 21 -11.88 24.89 2.99
N GLY E 22 -12.89 25.51 2.39
CA GLY E 22 -12.67 26.30 1.19
C GLY E 22 -12.44 25.59 -0.12
N PHE E 23 -12.69 24.29 -0.17
CA PHE E 23 -12.51 23.54 -1.42
C PHE E 23 -13.73 23.67 -2.31
N VAL E 24 -13.88 24.85 -2.91
CA VAL E 24 -15.00 25.15 -3.80
C VAL E 24 -15.12 24.12 -4.91
N LEU E 25 -16.34 23.63 -5.13
CA LEU E 25 -16.57 22.63 -6.16
C LEU E 25 -17.29 23.19 -7.38
N LYS E 26 -16.95 22.64 -8.54
CA LYS E 26 -17.59 23.02 -9.78
C LYS E 26 -18.94 22.31 -9.71
N LYS E 27 -18.90 21.11 -9.13
CA LYS E 27 -20.11 20.30 -8.96
C LYS E 27 -19.73 18.93 -8.41
N VAL E 28 -20.76 18.16 -8.07
CA VAL E 28 -20.57 16.81 -7.58
C VAL E 28 -21.28 15.95 -8.62
N GLU E 29 -20.58 14.95 -9.16
CA GLU E 29 -21.17 14.05 -10.14
C GLU E 29 -21.40 12.72 -9.44
N ILE E 30 -22.64 12.26 -9.49
CA ILE E 30 -23.02 11.02 -8.84
C ILE E 30 -23.34 9.91 -9.85
N TYR E 31 -22.59 8.82 -9.75
CA TYR E 31 -22.77 7.64 -10.61
C TYR E 31 -23.09 6.48 -9.68
N ARG E 32 -23.46 5.32 -10.21
CA ARG E 32 -23.79 4.17 -9.35
C ARG E 32 -22.62 3.71 -8.50
N SER E 33 -21.43 3.71 -9.09
CA SER E 33 -20.24 3.23 -8.39
C SER E 33 -19.31 4.29 -7.86
N ASN E 34 -19.48 5.54 -8.30
CA ASN E 34 -18.57 6.58 -7.84
C ASN E 34 -19.24 7.93 -7.60
N TYR E 35 -18.74 8.61 -6.58
CA TYR E 35 -19.24 9.91 -6.15
C TYR E 35 -18.07 10.88 -6.34
N LEU E 36 -18.19 11.82 -7.27
CA LEU E 36 -17.08 12.75 -7.55
C LEU E 36 -17.28 14.21 -7.17
N ALA E 37 -16.48 14.69 -6.23
CA ALA E 37 -16.53 16.10 -5.83
C ALA E 37 -15.44 16.74 -6.67
N ILE E 38 -15.85 17.45 -7.72
CA ILE E 38 -14.91 18.07 -8.65
C ILE E 38 -14.56 19.51 -8.28
N LEU E 39 -13.27 19.74 -8.03
CA LEU E 39 -12.82 21.07 -7.64
C LEU E 39 -12.98 22.09 -8.76
N GLU E 40 -13.41 23.29 -8.37
CA GLU E 40 -13.60 24.40 -9.30
C GLU E 40 -12.25 24.74 -9.92
N LYS E 41 -11.21 24.71 -9.08
CA LYS E 41 -9.85 25.01 -9.51
C LYS E 41 -8.93 23.86 -9.11
N ARG E 42 -8.08 23.41 -10.03
CA ARG E 42 -7.15 22.35 -9.70
C ARG E 42 -6.30 22.91 -8.58
N THR E 43 -6.18 22.17 -7.48
CA THR E 43 -5.44 22.64 -6.32
C THR E 43 -4.29 21.72 -5.96
N ASN E 44 -3.07 22.22 -6.14
CA ASN E 44 -1.88 21.44 -5.84
C ASN E 44 -1.93 20.15 -6.65
N GLY E 45 -2.47 20.25 -7.86
CA GLY E 45 -2.58 19.11 -8.74
C GLY E 45 -3.80 18.24 -8.50
N ILE E 46 -4.54 18.52 -7.44
CA ILE E 46 -5.73 17.74 -7.13
C ILE E 46 -6.91 18.15 -8.02
N ARG E 47 -7.59 17.14 -8.59
CA ARG E 47 -8.76 17.39 -9.45
C ARG E 47 -10.05 17.08 -8.70
N ASN E 48 -10.15 15.86 -8.15
CA ASN E 48 -11.36 15.45 -7.43
C ASN E 48 -11.08 14.73 -6.11
N PHE E 49 -12.09 14.74 -5.25
CA PHE E 49 -12.09 13.99 -4.00
C PHE E 49 -13.23 13.04 -4.29
N GLU E 50 -13.01 11.73 -4.13
CA GLU E 50 -14.06 10.77 -4.47
C GLU E 50 -14.37 9.74 -3.40
N ILE E 51 -15.57 9.20 -3.50
CA ILE E 51 -16.02 8.14 -2.59
C ILE E 51 -16.56 7.04 -3.50
N ASN E 52 -15.77 5.97 -3.61
CA ASN E 52 -16.12 4.86 -4.49
C ASN E 52 -16.83 3.70 -3.79
N ASN E 53 -17.60 2.95 -4.56
CA ASN E 53 -18.33 1.82 -4.00
C ASN E 53 -17.45 0.67 -3.54
N ASN E 54 -16.16 0.71 -3.89
CA ASN E 54 -15.25 -0.35 -3.47
C ASN E 54 -14.83 -0.18 -2.01
N GLY E 55 -15.37 0.85 -1.36
CA GLY E 55 -15.05 1.09 0.03
C GLY E 55 -13.92 2.05 0.28
N ASN E 56 -13.39 2.66 -0.78
CA ASN E 56 -12.29 3.61 -0.63
C ASN E 56 -12.66 5.05 -0.89
N MET E 57 -11.91 5.95 -0.26
CA MET E 57 -12.05 7.38 -0.49
C MET E 57 -10.84 7.59 -1.38
N ARG E 58 -10.96 8.41 -2.40
CA ARG E 58 -9.84 8.62 -3.31
C ARG E 58 -9.61 10.08 -3.69
N ILE E 59 -8.34 10.39 -3.97
CA ILE E 59 -7.97 11.71 -4.44
C ILE E 59 -7.41 11.45 -5.83
N PHE E 60 -7.91 12.18 -6.82
CA PHE E 60 -7.46 12.01 -8.19
C PHE E 60 -6.74 13.30 -8.56
N GLY E 61 -5.47 13.19 -8.93
CA GLY E 61 -4.70 14.35 -9.28
C GLY E 61 -3.86 14.20 -10.52
N TYR E 62 -3.06 15.22 -10.81
CA TYR E 62 -2.22 15.23 -11.98
C TYR E 62 -0.88 15.86 -11.66
N LYS E 63 0.19 15.11 -11.91
CA LYS E 63 1.55 15.57 -11.67
C LYS E 63 1.69 16.34 -10.36
N MET E 64 1.20 15.74 -9.28
CA MET E 64 1.29 16.36 -7.96
C MET E 64 2.75 16.35 -7.50
N MET E 65 3.14 17.36 -6.73
CA MET E 65 4.51 17.42 -6.24
C MET E 65 4.73 16.40 -5.13
N GLU E 66 5.93 15.81 -5.11
CA GLU E 66 6.26 14.79 -4.12
C GLU E 66 6.03 15.24 -2.68
N HIS E 67 6.38 16.48 -2.36
CA HIS E 67 6.19 16.95 -0.98
C HIS E 67 4.70 17.06 -0.62
N HIS E 68 3.85 17.13 -1.64
CA HIS E 68 2.41 17.20 -1.40
C HIS E 68 1.84 15.78 -1.28
N ILE E 69 2.25 14.90 -2.19
CA ILE E 69 1.79 13.51 -2.15
C ILE E 69 2.21 12.90 -0.82
N GLN E 70 3.40 13.28 -0.38
CA GLN E 70 3.96 12.78 0.86
C GLN E 70 3.08 13.06 2.07
N LYS E 71 2.43 14.22 2.09
CA LYS E 71 1.56 14.54 3.22
C LYS E 71 0.40 13.54 3.30
N PHE E 72 -0.04 13.04 2.15
CA PHE E 72 -1.13 12.09 2.11
C PHE E 72 -0.67 10.65 2.41
N THR E 73 0.48 10.26 1.89
CA THR E 73 0.97 8.91 2.16
C THR E 73 1.38 8.84 3.63
N ASP E 74 1.72 10.00 4.20
CA ASP E 74 2.13 10.09 5.60
C ASP E 74 1.03 9.60 6.54
N ILE E 75 -0.22 9.68 6.10
CA ILE E 75 -1.34 9.24 6.94
C ILE E 75 -1.93 7.89 6.55
N GLY E 76 -1.22 7.15 5.70
CA GLY E 76 -1.70 5.83 5.32
C GLY E 76 -2.34 5.65 3.96
N MET E 77 -2.39 6.70 3.15
CA MET E 77 -3.00 6.58 1.84
C MET E 77 -2.09 5.81 0.88
N SER E 78 -2.70 4.95 0.06
CA SER E 78 -1.96 4.19 -0.93
C SER E 78 -1.77 5.17 -2.09
N CYS E 79 -0.75 4.93 -2.91
CA CYS E 79 -0.49 5.85 -4.00
C CYS E 79 -0.10 5.16 -5.29
N LYS E 80 -0.71 5.57 -6.39
CA LYS E 80 -0.40 4.99 -7.69
C LYS E 80 -0.17 6.12 -8.68
N ILE E 81 1.03 6.15 -9.26
CA ILE E 81 1.37 7.18 -10.23
C ILE E 81 1.44 6.53 -11.60
N ALA E 82 0.51 6.91 -12.47
CA ALA E 82 0.43 6.37 -13.83
C ALA E 82 1.45 7.01 -14.76
N LYS E 83 1.73 6.33 -15.87
CA LYS E 83 2.69 6.81 -16.85
C LYS E 83 2.31 8.18 -17.40
N ASN E 84 1.02 8.47 -17.49
CA ASN E 84 0.58 9.76 -18.00
C ASN E 84 0.62 10.88 -16.98
N GLY E 85 1.14 10.60 -15.80
CA GLY E 85 1.23 11.62 -14.77
C GLY E 85 0.06 11.70 -13.81
N ASN E 86 -1.03 11.01 -14.12
CA ASN E 86 -2.19 11.00 -13.23
C ASN E 86 -1.83 10.31 -11.93
N VAL E 87 -2.31 10.87 -10.82
CA VAL E 87 -2.05 10.35 -9.49
C VAL E 87 -3.34 9.87 -8.83
N TYR E 88 -3.29 8.71 -8.22
CA TYR E 88 -4.44 8.16 -7.52
C TYR E 88 -4.06 7.83 -6.08
N LEU E 89 -4.70 8.49 -5.13
CA LEU E 89 -4.44 8.25 -3.71
C LEU E 89 -5.70 7.61 -3.12
N ASP E 90 -5.52 6.48 -2.43
CA ASP E 90 -6.64 5.76 -1.85
C ASP E 90 -6.50 5.45 -0.37
N ILE E 91 -7.65 5.35 0.30
CA ILE E 91 -7.68 5.02 1.71
C ILE E 91 -9.08 4.48 2.02
N LYS E 92 -9.17 3.62 3.02
CA LYS E 92 -10.46 3.05 3.40
C LYS E 92 -11.39 4.18 3.80
N ARG E 93 -12.60 4.16 3.25
CA ARG E 93 -13.59 5.18 3.56
C ARG E 93 -14.20 5.01 4.95
N SER E 94 -14.07 6.04 5.76
CA SER E 94 -14.62 6.05 7.12
C SER E 94 -14.68 7.51 7.56
N ALA E 95 -15.54 7.81 8.52
CA ALA E 95 -15.65 9.18 9.00
C ALA E 95 -14.29 9.70 9.44
N GLU E 96 -13.54 8.85 10.13
CA GLU E 96 -12.22 9.19 10.62
C GLU E 96 -11.22 9.49 9.50
N ASN E 97 -11.16 8.62 8.50
CA ASN E 97 -10.22 8.83 7.41
C ASN E 97 -10.62 10.01 6.53
N ILE E 98 -11.93 10.25 6.40
CA ILE E 98 -12.38 11.37 5.59
C ILE E 98 -11.93 12.68 6.22
N GLU E 99 -12.09 12.80 7.53
CA GLU E 99 -11.65 14.00 8.21
C GLU E 99 -10.13 14.15 8.09
N ALA E 100 -9.42 13.03 8.27
CA ALA E 100 -7.96 13.04 8.19
C ALA E 100 -7.48 13.51 6.81
N VAL E 101 -8.02 12.92 5.77
CA VAL E 101 -7.62 13.27 4.41
C VAL E 101 -7.90 14.73 4.08
N ILE E 102 -9.10 15.22 4.40
CA ILE E 102 -9.44 16.60 4.10
C ILE E 102 -8.60 17.58 4.92
N THR E 103 -8.30 17.22 6.16
CA THR E 103 -7.47 18.10 6.98
C THR E 103 -6.07 18.20 6.37
N VAL E 104 -5.54 17.08 5.90
CA VAL E 104 -4.22 17.08 5.29
C VAL E 104 -4.24 17.97 4.05
N ALA E 105 -5.27 17.79 3.22
CA ALA E 105 -5.40 18.59 2.02
C ALA E 105 -5.52 20.08 2.36
N SER E 106 -6.25 20.39 3.43
CA SER E 106 -6.45 21.77 3.85
C SER E 106 -5.17 22.41 4.39
N GLU E 107 -4.22 21.57 4.79
CA GLU E 107 -2.97 22.06 5.34
C GLU E 107 -1.76 21.96 4.40
N LEU E 108 -2.02 21.72 3.12
CA LEU E 108 -0.94 21.62 2.14
C LEU E 108 -0.30 23.00 1.88
N SER F 5 -25.50 -1.92 35.40
CA SER F 5 -25.01 -1.80 36.80
C SER F 5 -23.69 -1.04 36.84
N ASP F 6 -22.66 -1.64 36.22
CA ASP F 6 -21.35 -1.02 36.18
C ASP F 6 -21.32 0.17 35.23
N MET F 7 -21.84 -0.01 34.02
CA MET F 7 -21.86 1.05 33.04
C MET F 7 -22.56 2.29 33.57
N GLU F 8 -23.60 2.06 34.37
CA GLU F 8 -24.36 3.16 34.94
C GLU F 8 -23.50 4.00 35.87
N GLU F 9 -22.94 3.36 36.89
CA GLU F 9 -22.09 4.08 37.85
C GLU F 9 -20.86 4.67 37.17
N ASP F 10 -20.31 3.94 36.21
CA ASP F 10 -19.13 4.40 35.48
C ASP F 10 -19.42 5.65 34.66
N LYS F 11 -20.44 5.59 33.81
CA LYS F 11 -20.79 6.72 32.98
C LYS F 11 -21.17 7.95 33.80
N ASP F 12 -21.87 7.73 34.92
CA ASP F 12 -22.24 8.84 35.78
C ASP F 12 -21.00 9.47 36.40
N LEU F 13 -20.07 8.62 36.83
CA LEU F 13 -18.84 9.10 37.43
C LEU F 13 -18.05 9.90 36.41
N MET F 14 -17.95 9.38 35.19
CA MET F 14 -17.22 10.06 34.13
C MET F 14 -17.79 11.46 33.91
N LEU F 15 -19.09 11.53 33.69
CA LEU F 15 -19.75 12.81 33.44
C LEU F 15 -19.61 13.75 34.63
N LYS F 16 -19.71 13.18 35.83
CA LYS F 16 -19.61 13.97 37.04
C LYS F 16 -18.24 14.64 37.11
N LEU F 17 -17.19 13.84 36.94
CA LEU F 17 -15.83 14.35 37.01
C LEU F 17 -15.47 15.29 35.87
N LEU F 18 -16.02 15.05 34.67
CA LEU F 18 -15.74 15.93 33.55
C LEU F 18 -16.31 17.31 33.83
N ASP F 19 -17.50 17.33 34.44
CA ASP F 19 -18.16 18.58 34.79
C ASP F 19 -17.39 19.30 35.88
N LYS F 20 -17.01 18.56 36.92
CA LYS F 20 -16.27 19.14 38.02
C LYS F 20 -14.97 19.79 37.54
N ASN F 21 -14.29 19.14 36.61
CA ASN F 21 -13.04 19.66 36.08
C ASN F 21 -13.18 20.63 34.91
N GLY F 22 -14.42 20.98 34.59
CA GLY F 22 -14.67 21.94 33.52
C GLY F 22 -14.52 21.49 32.07
N PHE F 23 -14.61 20.20 31.81
CA PHE F 23 -14.50 19.74 30.43
C PHE F 23 -15.87 19.89 29.78
N VAL F 24 -16.09 21.05 29.19
CA VAL F 24 -17.35 21.37 28.54
C VAL F 24 -17.61 20.46 27.35
N LEU F 25 -18.81 19.89 27.29
CA LEU F 25 -19.18 18.97 26.22
C LEU F 25 -20.11 19.58 25.18
N LYS F 26 -19.91 19.17 23.93
CA LYS F 26 -20.75 19.60 22.83
C LYS F 26 -22.06 18.84 23.00
N LYS F 27 -21.91 17.59 23.42
CA LYS F 27 -23.04 16.70 23.64
C LYS F 27 -22.51 15.36 24.11
N VAL F 28 -23.41 14.48 24.52
CA VAL F 28 -23.05 13.13 24.91
C VAL F 28 -23.79 12.27 23.90
N GLU F 29 -23.10 11.31 23.31
CA GLU F 29 -23.74 10.43 22.34
C GLU F 29 -23.84 9.07 23.01
N ILE F 30 -25.02 8.47 22.94
CA ILE F 30 -25.27 7.18 23.55
C ILE F 30 -25.69 6.15 22.51
N TYR F 31 -24.87 5.11 22.38
CA TYR F 31 -25.11 4.02 21.45
C TYR F 31 -25.27 2.75 22.30
N ARG F 32 -25.63 1.65 21.65
CA ARG F 32 -25.83 0.39 22.36
C ARG F 32 -24.65 -0.02 23.24
N SER F 33 -23.44 0.09 22.72
CA SER F 33 -22.27 -0.33 23.49
C SER F 33 -21.33 0.74 24.02
N ASN F 34 -21.73 2.01 23.95
CA ASN F 34 -20.83 3.04 24.47
C ASN F 34 -21.42 4.42 24.69
N TYR F 35 -20.86 5.13 25.66
CA TYR F 35 -21.25 6.49 25.99
C TYR F 35 -20.09 7.39 25.56
N LEU F 36 -20.37 8.34 24.69
CA LEU F 36 -19.34 9.25 24.20
C LEU F 36 -19.52 10.68 24.70
N ALA F 37 -18.53 11.16 25.45
CA ALA F 37 -18.55 12.52 25.94
C ALA F 37 -17.69 13.33 24.97
N ILE F 38 -18.34 14.05 24.06
CA ILE F 38 -17.62 14.83 23.05
C ILE F 38 -17.29 16.24 23.55
N LEU F 39 -16.01 16.58 23.56
CA LEU F 39 -15.60 17.90 24.02
C LEU F 39 -15.99 18.97 23.03
N GLU F 40 -16.40 20.13 23.54
CA GLU F 40 -16.79 21.25 22.69
C GLU F 40 -15.56 21.74 21.96
N LYS F 41 -14.41 21.71 22.65
CA LYS F 41 -13.17 22.15 22.03
C LYS F 41 -12.03 21.17 22.31
N ARG F 42 -11.33 20.80 21.25
CA ARG F 42 -10.20 19.89 21.35
C ARG F 42 -9.23 20.47 22.39
N THR F 43 -8.96 19.70 23.43
CA THR F 43 -8.09 20.15 24.50
C THR F 43 -6.84 19.27 24.62
N ASN F 44 -5.67 19.86 24.37
CA ASN F 44 -4.42 19.13 24.43
C ASN F 44 -4.50 17.90 23.53
N GLY F 45 -5.23 18.05 22.42
CA GLY F 45 -5.37 16.96 21.48
C GLY F 45 -6.55 16.04 21.72
N ILE F 46 -7.12 16.11 22.93
CA ILE F 46 -8.25 15.27 23.30
C ILE F 46 -9.54 15.68 22.61
N ARG F 47 -10.22 14.72 22.01
CA ARG F 47 -11.48 14.99 21.33
C ARG F 47 -12.66 14.50 22.16
N ASN F 48 -12.52 13.31 22.74
CA ASN F 48 -13.60 12.78 23.58
C ASN F 48 -13.17 11.77 24.61
N PHE F 49 -14.05 11.53 25.57
CA PHE F 49 -13.83 10.54 26.63
C PHE F 49 -14.96 9.54 26.42
N GLU F 50 -14.68 8.26 26.60
CA GLU F 50 -15.73 7.28 26.37
C GLU F 50 -15.72 6.08 27.30
N ILE F 51 -16.92 5.54 27.53
CA ILE F 51 -17.10 4.35 28.35
C ILE F 51 -17.70 3.33 27.40
N ASN F 52 -17.00 2.22 27.20
CA ASN F 52 -17.45 1.20 26.25
C ASN F 52 -17.81 -0.13 26.90
N ASN F 53 -18.76 -0.83 26.28
CA ASN F 53 -19.21 -2.13 26.76
C ASN F 53 -18.11 -3.17 26.79
N ASN F 54 -17.00 -2.92 26.09
CA ASN F 54 -15.93 -3.89 26.08
C ASN F 54 -15.14 -3.87 27.39
N GLY F 55 -15.57 -3.02 28.31
CA GLY F 55 -14.93 -2.93 29.62
C GLY F 55 -13.84 -1.88 29.77
N ASN F 56 -13.64 -1.06 28.75
CA ASN F 56 -12.60 -0.03 28.82
C ASN F 56 -13.13 1.39 28.80
N MET F 57 -12.30 2.29 29.33
CA MET F 57 -12.59 3.71 29.30
C MET F 57 -11.58 4.13 28.25
N ARG F 58 -11.98 5.01 27.34
CA ARG F 58 -11.07 5.43 26.30
C ARG F 58 -11.02 6.93 26.09
N ILE F 59 -9.87 7.39 25.61
CA ILE F 59 -9.69 8.80 25.28
C ILE F 59 -9.34 8.76 23.80
N PHE F 60 -10.04 9.56 23.00
CA PHE F 60 -9.75 9.65 21.57
C PHE F 60 -9.17 11.04 21.33
N GLY F 61 -8.00 11.09 20.73
CA GLY F 61 -7.37 12.37 20.47
C GLY F 61 -6.69 12.46 19.12
N TYR F 62 -6.00 13.57 18.91
CA TYR F 62 -5.30 13.82 17.67
C TYR F 62 -3.96 14.51 17.93
N LYS F 63 -2.90 13.87 17.44
CA LYS F 63 -1.54 14.37 17.59
C LYS F 63 -1.25 14.93 18.98
N MET F 64 -1.47 14.10 20.00
CA MET F 64 -1.22 14.50 21.39
C MET F 64 0.28 14.57 21.66
N MET F 65 0.67 15.49 22.53
CA MET F 65 2.07 15.67 22.90
C MET F 65 2.63 14.44 23.60
N GLU F 66 3.89 14.14 23.30
CA GLU F 66 4.58 13.00 23.88
C GLU F 66 4.58 13.06 25.41
N HIS F 67 4.89 14.23 25.96
CA HIS F 67 4.94 14.36 27.42
C HIS F 67 3.57 14.24 28.08
N HIS F 68 2.51 14.47 27.31
CA HIS F 68 1.16 14.35 27.85
C HIS F 68 0.78 12.87 27.83
N ILE F 69 1.14 12.18 26.75
CA ILE F 69 0.84 10.76 26.62
C ILE F 69 1.51 10.00 27.77
N GLN F 70 2.74 10.39 28.11
CA GLN F 70 3.48 9.75 29.20
C GLN F 70 2.77 9.87 30.54
N LYS F 71 2.07 10.97 30.76
CA LYS F 71 1.36 11.16 32.01
C LYS F 71 0.21 10.18 32.12
N PHE F 72 -0.38 9.84 30.98
CA PHE F 72 -1.48 8.89 30.96
C PHE F 72 -0.99 7.45 31.09
N THR F 73 0.11 7.13 30.42
CA THR F 73 0.63 5.78 30.51
C THR F 73 1.24 5.51 31.89
N ASP F 74 1.61 6.58 32.59
CA ASP F 74 2.17 6.45 33.93
C ASP F 74 1.13 5.92 34.91
N ILE F 75 -0.15 6.21 34.66
CA ILE F 75 -1.21 5.74 35.55
C ILE F 75 -1.83 4.43 35.06
N GLY F 76 -1.24 3.84 34.02
CA GLY F 76 -1.75 2.57 33.52
C GLY F 76 -2.47 2.53 32.19
N MET F 77 -2.61 3.66 31.51
CA MET F 77 -3.29 3.65 30.22
C MET F 77 -2.34 3.09 29.15
N SER F 78 -2.92 2.54 28.09
CA SER F 78 -2.14 2.03 26.97
C SER F 78 -2.42 3.03 25.84
N CYS F 79 -1.40 3.33 25.05
CA CYS F 79 -1.55 4.28 23.96
C CYS F 79 -1.28 3.66 22.59
N LYS F 80 -2.21 3.87 21.67
CA LYS F 80 -2.09 3.36 20.31
C LYS F 80 -2.17 4.56 19.39
N ILE F 81 -1.13 4.78 18.60
CA ILE F 81 -1.11 5.91 17.67
C ILE F 81 -1.41 5.42 16.26
N ALA F 82 -2.41 6.04 15.63
CA ALA F 82 -2.81 5.68 14.28
C ALA F 82 -1.90 6.40 13.28
N LYS F 83 -1.77 5.83 12.08
CA LYS F 83 -0.94 6.45 11.06
C LYS F 83 -1.50 7.79 10.64
N ASN F 84 -2.81 7.96 10.78
CA ASN F 84 -3.44 9.22 10.40
C ASN F 84 -3.28 10.31 11.46
N GLY F 85 -2.50 10.01 12.50
CA GLY F 85 -2.25 10.99 13.54
C GLY F 85 -3.13 10.90 14.78
N ASN F 86 -4.25 10.21 14.66
CA ASN F 86 -5.16 10.06 15.78
C ASN F 86 -4.52 9.22 16.87
N VAL F 87 -5.05 9.34 18.08
CA VAL F 87 -4.53 8.60 19.21
C VAL F 87 -5.65 7.96 20.01
N TYR F 88 -5.43 6.72 20.43
CA TYR F 88 -6.41 6.01 21.24
C TYR F 88 -5.75 5.55 22.53
N LEU F 89 -6.25 6.06 23.65
CA LEU F 89 -5.73 5.70 24.97
C LEU F 89 -6.80 4.85 25.63
N ASP F 90 -6.42 3.71 26.19
CA ASP F 90 -7.41 2.84 26.83
C ASP F 90 -6.94 2.32 28.18
N ILE F 91 -7.90 1.97 29.02
CA ILE F 91 -7.62 1.41 30.34
C ILE F 91 -8.89 0.70 30.81
N LYS F 92 -8.73 -0.32 31.63
CA LYS F 92 -9.90 -1.04 32.12
C LYS F 92 -10.76 -0.12 32.98
N ARG F 93 -12.07 -0.21 32.79
CA ARG F 93 -13.03 0.60 33.54
C ARG F 93 -13.07 0.21 35.01
N SER F 94 -13.09 1.22 35.86
CA SER F 94 -13.18 1.05 37.31
C SER F 94 -13.30 2.46 37.89
N ALA F 95 -13.86 2.56 39.09
CA ALA F 95 -14.01 3.87 39.70
C ALA F 95 -12.64 4.51 39.87
N GLU F 96 -11.67 3.71 40.31
CA GLU F 96 -10.32 4.21 40.53
C GLU F 96 -9.66 4.68 39.23
N ASN F 97 -9.77 3.87 38.17
CA ASN F 97 -9.17 4.24 36.89
C ASN F 97 -9.84 5.43 36.24
N ILE F 98 -11.16 5.54 36.37
CA ILE F 98 -11.85 6.68 35.77
C ILE F 98 -11.39 7.95 36.47
N GLU F 99 -11.34 7.92 37.80
CA GLU F 99 -10.91 9.07 38.58
C GLU F 99 -9.48 9.46 38.21
N ALA F 100 -8.59 8.48 38.12
CA ALA F 100 -7.20 8.73 37.80
C ALA F 100 -7.02 9.37 36.42
N VAL F 101 -7.70 8.81 35.42
CA VAL F 101 -7.62 9.30 34.06
C VAL F 101 -8.09 10.75 33.93
N ILE F 102 -9.25 11.05 34.47
CA ILE F 102 -9.77 12.42 34.37
C ILE F 102 -8.89 13.39 35.13
N THR F 103 -8.33 12.96 36.25
CA THR F 103 -7.45 13.83 37.02
C THR F 103 -6.21 14.14 36.19
N VAL F 104 -5.66 13.13 35.50
CA VAL F 104 -4.49 13.37 34.67
C VAL F 104 -4.83 14.36 33.55
N ALA F 105 -5.94 14.12 32.86
CA ALA F 105 -6.35 15.00 31.76
C ALA F 105 -6.53 16.44 32.26
N SER F 106 -7.06 16.57 33.47
CA SER F 106 -7.31 17.90 34.03
C SER F 106 -6.04 18.62 34.44
N GLU F 107 -4.99 17.87 34.75
CA GLU F 107 -3.74 18.46 35.18
C GLU F 107 -2.70 18.51 34.06
N LEU F 108 -3.12 18.05 32.86
CA LEU F 108 -2.29 18.02 31.66
C LEU F 108 -2.61 16.80 30.79
#